data_4YYM
#
_entry.id   4YYM
#
_cell.length_a   58.215
_cell.length_b   66.048
_cell.length_c   81.021
_cell.angle_alpha   90.000
_cell.angle_beta   90.000
_cell.angle_gamma   90.000
#
_symmetry.space_group_name_H-M   'P 21 21 21'
#
loop_
_entity.id
_entity.type
_entity.pdbx_description
1 polymer 'Transcription initiation factor TFIID subunit 1'
2 polymer 'Histone H4'
3 non-polymer 'CALCIUM ION'
4 water water
#
loop_
_entity_poly.entity_id
_entity_poly.type
_entity_poly.pdbx_seq_one_letter_code
_entity_poly.pdbx_strand_id
1 'polypeptide(L)'
;GSPLLDDDDQVAFSFILDNIVTQKMMAVPDSWPFHHPVNKKFVPDYYKVIVNPMDLETIRKNISKHKYQSRESFLDDVNL
ILANSVKYNGPESQYTKTAQEIVNVCYQTLTEYDEHLTQLEKDICTAKEAALEEAELESLDPMT
;
A,B
2 'polypeptide(L)' SGRG(BTK)GG(BTK)GLG Z
#
loop_
_chem_comp.id
_chem_comp.type
_chem_comp.name
_chem_comp.formula
CA non-polymer 'CALCIUM ION' 'Ca 2'
#
# COMPACT_ATOMS: atom_id res chain seq x y z
N ASP A 6 6.92 -28.33 -20.44
CA ASP A 6 7.63 -27.25 -21.18
C ASP A 6 6.84 -25.94 -21.09
N ASP A 7 7.00 -25.30 -19.93
CA ASP A 7 6.34 -24.01 -19.62
C ASP A 7 7.39 -22.93 -19.35
N ASP A 8 8.62 -23.15 -19.80
CA ASP A 8 9.72 -22.23 -19.51
C ASP A 8 9.39 -20.82 -20.05
N ASP A 9 8.96 -20.76 -21.31
CA ASP A 9 8.57 -19.49 -21.95
C ASP A 9 7.36 -18.81 -21.26
N GLN A 10 6.29 -19.55 -20.88
CA GLN A 10 5.21 -19.00 -20.05
C GLN A 10 5.71 -18.38 -18.73
N VAL A 11 6.53 -19.12 -18.00
CA VAL A 11 7.15 -18.62 -16.75
C VAL A 11 7.94 -17.31 -16.97
N ALA A 12 8.78 -17.31 -17.99
CA ALA A 12 9.57 -16.10 -18.31
C ALA A 12 8.69 -14.91 -18.70
N PHE A 13 7.63 -15.18 -19.45
CA PHE A 13 6.69 -14.11 -19.91
C PHE A 13 5.99 -13.53 -18.64
N SER A 14 5.44 -14.44 -17.78
CA SER A 14 4.75 -13.99 -16.56
C SER A 14 5.75 -13.19 -15.65
N PHE A 15 7.04 -13.60 -15.62
CA PHE A 15 8.03 -12.92 -14.79
C PHE A 15 8.17 -11.50 -15.28
N ILE A 16 8.27 -11.29 -16.59
CA ILE A 16 8.36 -9.91 -17.12
C ILE A 16 7.10 -9.07 -16.81
N LEU A 17 5.91 -9.72 -16.98
CA LEU A 17 4.73 -8.91 -16.70
C LEU A 17 4.69 -8.51 -15.25
N ASP A 18 5.03 -9.44 -14.32
CA ASP A 18 4.95 -9.13 -12.89
C ASP A 18 5.90 -7.95 -12.59
N ASN A 19 7.09 -7.95 -13.25
CA ASN A 19 8.01 -6.85 -12.95
C ASN A 19 7.57 -5.52 -13.53
N ILE A 20 6.77 -5.57 -14.64
CA ILE A 20 6.22 -4.32 -15.16
C ILE A 20 5.21 -3.78 -14.11
N VAL A 21 4.36 -4.68 -13.61
CA VAL A 21 3.43 -4.28 -12.57
C VAL A 21 4.08 -3.71 -11.34
N THR A 22 5.08 -4.42 -10.77
CA THR A 22 5.60 -3.92 -9.53
C THR A 22 6.59 -2.77 -9.72
N GLN A 23 7.38 -2.82 -10.75
CA GLN A 23 8.47 -1.79 -10.86
C GLN A 23 8.04 -0.55 -11.58
N LYS A 24 7.06 -0.64 -12.45
CA LYS A 24 6.62 0.42 -13.30
C LYS A 24 5.27 0.97 -12.89
N MET A 25 4.24 0.09 -12.87
CA MET A 25 2.82 0.50 -12.72
C MET A 25 2.52 0.86 -11.25
N MET A 26 2.99 0.03 -10.34
CA MET A 26 2.76 0.29 -8.91
C MET A 26 3.63 1.46 -8.44
N ALA A 27 4.74 1.73 -9.16
CA ALA A 27 5.60 2.83 -8.80
C ALA A 27 5.11 4.21 -9.28
N VAL A 28 4.01 4.29 -10.06
CA VAL A 28 3.40 5.60 -10.37
C VAL A 28 3.09 6.30 -9.05
N PRO A 29 3.43 7.57 -8.91
CA PRO A 29 3.27 8.15 -7.59
C PRO A 29 1.88 8.26 -6.96
N ASP A 30 1.78 7.91 -5.65
CA ASP A 30 0.57 8.07 -4.84
C ASP A 30 -0.60 7.28 -5.47
N SER A 31 -0.24 6.14 -6.07
CA SER A 31 -1.22 5.32 -6.82
C SER A 31 -1.76 4.21 -6.02
N TRP A 32 -1.58 4.25 -4.69
CA TRP A 32 -2.03 3.18 -3.75
C TRP A 32 -3.47 2.65 -3.97
N PRO A 33 -4.44 3.55 -4.20
CA PRO A 33 -5.83 3.09 -4.32
C PRO A 33 -6.03 2.14 -5.47
N PHE A 34 -5.16 2.18 -6.50
CA PHE A 34 -5.24 1.26 -7.55
C PHE A 34 -4.56 -0.09 -7.31
N HIS A 35 -3.91 -0.22 -6.15
CA HIS A 35 -3.17 -1.44 -5.86
C HIS A 35 -4.06 -2.49 -5.14
N HIS A 36 -5.35 -2.22 -4.83
CA HIS A 36 -6.17 -3.16 -4.07
C HIS A 36 -7.54 -3.08 -4.68
N PRO A 37 -8.31 -4.18 -4.59
CA PRO A 37 -9.70 -4.13 -5.03
C PRO A 37 -10.51 -3.15 -4.22
N VAL A 38 -11.54 -2.54 -4.83
CA VAL A 38 -12.48 -1.77 -4.01
C VAL A 38 -13.37 -2.66 -3.14
N ASN A 39 -13.40 -2.31 -1.83
CA ASN A 39 -14.28 -2.96 -0.85
C ASN A 39 -15.54 -2.09 -0.65
N LYS A 40 -16.69 -2.72 -0.87
CA LYS A 40 -17.94 -2.02 -0.84
C LYS A 40 -18.18 -1.35 0.55
N LYS A 41 -17.53 -1.84 1.61
CA LYS A 41 -17.72 -1.16 2.94
C LYS A 41 -17.26 0.30 2.94
N PHE A 42 -16.21 0.63 2.20
CA PHE A 42 -15.69 1.97 2.10
C PHE A 42 -16.16 2.80 0.96
N VAL A 43 -16.59 2.15 -0.18
CA VAL A 43 -17.18 2.90 -1.30
C VAL A 43 -18.47 2.15 -1.60
N PRO A 44 -19.50 2.35 -0.76
CA PRO A 44 -20.71 1.48 -0.85
C PRO A 44 -21.46 1.58 -2.15
N ASP A 45 -21.30 2.63 -2.94
CA ASP A 45 -21.93 2.69 -4.23
C ASP A 45 -21.09 2.24 -5.44
N TYR A 46 -19.83 1.77 -5.18
CA TYR A 46 -19.00 1.47 -6.35
C TYR A 46 -19.62 0.46 -7.34
N TYR A 47 -20.18 -0.57 -6.73
CA TYR A 47 -20.66 -1.70 -7.55
C TYR A 47 -22.09 -1.52 -8.00
N LYS A 48 -22.69 -0.36 -7.76
CA LYS A 48 -23.84 0.04 -8.61
C LYS A 48 -23.49 0.39 -10.03
N VAL A 49 -22.28 0.90 -10.21
CA VAL A 49 -21.82 1.46 -11.41
C VAL A 49 -20.88 0.45 -12.11
N ILE A 50 -19.95 -0.18 -11.34
CA ILE A 50 -18.88 -0.98 -11.98
C ILE A 50 -19.17 -2.44 -12.00
N VAL A 51 -19.13 -3.01 -13.18
CA VAL A 51 -19.49 -4.45 -13.36
C VAL A 51 -18.33 -5.38 -13.00
N ASN A 52 -17.16 -5.05 -13.52
CA ASN A 52 -15.99 -5.94 -13.49
C ASN A 52 -14.82 -5.19 -12.87
N PRO A 53 -14.63 -5.24 -11.57
CA PRO A 53 -13.54 -4.50 -10.92
C PRO A 53 -12.18 -5.09 -11.32
N MET A 54 -11.19 -4.19 -11.28
CA MET A 54 -9.80 -4.66 -11.55
C MET A 54 -8.85 -3.72 -10.80
N ASP A 55 -7.73 -4.35 -10.39
CA ASP A 55 -6.71 -3.59 -9.60
C ASP A 55 -5.36 -4.30 -9.83
N LEU A 56 -4.26 -3.61 -9.38
CA LEU A 56 -3.00 -4.19 -9.70
C LEU A 56 -2.61 -5.37 -8.87
N GLU A 57 -3.15 -5.53 -7.63
CA GLU A 57 -2.91 -6.75 -6.88
C GLU A 57 -3.62 -7.94 -7.59
N THR A 58 -4.87 -7.72 -8.07
CA THR A 58 -5.57 -8.76 -8.85
C THR A 58 -4.75 -9.18 -10.07
N ILE A 59 -4.24 -8.19 -10.83
CA ILE A 59 -3.43 -8.54 -12.03
C ILE A 59 -2.19 -9.40 -11.61
N ARG A 60 -1.50 -8.99 -10.51
CA ARG A 60 -0.41 -9.81 -10.00
C ARG A 60 -0.86 -11.26 -9.69
N LYS A 61 -2.07 -11.41 -9.07
CA LYS A 61 -2.53 -12.79 -8.83
C LYS A 61 -2.75 -13.52 -10.09
N ASN A 62 -3.38 -12.86 -11.05
CA ASN A 62 -3.56 -13.50 -12.36
C ASN A 62 -2.28 -13.92 -13.05
N ILE A 63 -1.28 -13.05 -13.01
CA ILE A 63 -0.01 -13.40 -13.60
C ILE A 63 0.62 -14.62 -12.92
N SER A 64 0.45 -14.71 -11.58
CA SER A 64 1.11 -15.83 -10.81
C SER A 64 0.51 -17.15 -11.22
N LYS A 65 -0.73 -17.12 -11.68
CA LYS A 65 -1.45 -18.31 -12.19
C LYS A 65 -1.40 -18.45 -13.70
N HIS A 66 -0.57 -17.63 -14.35
CA HIS A 66 -0.35 -17.72 -15.79
C HIS A 66 -1.62 -17.50 -16.54
N LYS A 67 -2.40 -16.50 -16.10
CA LYS A 67 -3.65 -16.19 -16.84
C LYS A 67 -3.30 -15.70 -18.25
N TYR A 68 -2.17 -14.96 -18.36
CA TYR A 68 -1.96 -14.27 -19.61
C TYR A 68 -0.95 -15.01 -20.46
N GLN A 69 -1.32 -15.40 -21.68
CA GLN A 69 -0.41 -16.01 -22.58
C GLN A 69 0.11 -15.08 -23.61
N SER A 70 -0.39 -13.85 -23.61
CA SER A 70 0.05 -12.86 -24.50
C SER A 70 -0.35 -11.51 -23.96
N ARG A 71 0.17 -10.49 -24.59
CA ARG A 71 -0.08 -9.09 -24.19
C ARG A 71 -1.55 -8.70 -24.26
N GLU A 72 -2.27 -9.27 -25.22
CA GLU A 72 -3.65 -8.83 -25.44
C GLU A 72 -4.50 -9.06 -24.21
N SER A 73 -4.38 -10.22 -23.56
CA SER A 73 -5.24 -10.59 -22.41
C SER A 73 -4.79 -9.73 -21.19
N PHE A 74 -3.47 -9.53 -21.06
CA PHE A 74 -2.96 -8.71 -19.99
C PHE A 74 -3.51 -7.26 -20.10
N LEU A 75 -3.40 -6.72 -21.31
CA LEU A 75 -3.81 -5.35 -21.54
C LEU A 75 -5.35 -5.22 -21.32
N ASP A 76 -6.11 -6.28 -21.63
CA ASP A 76 -7.58 -6.17 -21.30
C ASP A 76 -7.76 -5.83 -19.82
N ASP A 77 -7.06 -6.53 -18.91
CA ASP A 77 -7.19 -6.21 -17.52
C ASP A 77 -6.63 -4.83 -17.14
N VAL A 78 -5.42 -4.49 -17.70
CA VAL A 78 -4.85 -3.16 -17.33
C VAL A 78 -5.83 -2.05 -17.75
N ASN A 79 -6.35 -2.17 -18.99
CA ASN A 79 -7.19 -1.11 -19.54
C ASN A 79 -8.51 -1.04 -18.78
N LEU A 80 -8.96 -2.18 -18.22
CA LEU A 80 -10.18 -2.17 -17.38
C LEU A 80 -10.03 -1.25 -16.18
N ILE A 81 -8.80 -1.15 -15.58
CA ILE A 81 -8.61 -0.25 -14.48
C ILE A 81 -8.94 1.22 -14.87
N LEU A 82 -8.41 1.66 -16.01
CA LEU A 82 -8.75 2.99 -16.46
C LEU A 82 -10.26 3.14 -16.83
N ALA A 83 -10.81 2.11 -17.51
CA ALA A 83 -12.19 2.26 -17.96
C ALA A 83 -13.07 2.40 -16.70
N ASN A 84 -12.77 1.62 -15.66
CA ASN A 84 -13.61 1.77 -14.49
C ASN A 84 -13.48 3.12 -13.82
N SER A 85 -12.25 3.68 -13.76
CA SER A 85 -12.14 5.02 -13.16
C SER A 85 -12.87 6.07 -14.04
N VAL A 86 -12.71 5.94 -15.39
CA VAL A 86 -13.47 6.91 -16.25
C VAL A 86 -14.99 6.85 -15.91
N LYS A 87 -15.47 5.64 -15.73
CA LYS A 87 -16.94 5.52 -15.51
C LYS A 87 -17.28 5.98 -14.12
N TYR A 88 -16.55 5.59 -13.08
CA TYR A 88 -16.98 5.84 -11.74
C TYR A 88 -16.62 7.29 -11.31
N ASN A 89 -15.39 7.72 -11.67
CA ASN A 89 -14.89 9.00 -11.21
C ASN A 89 -15.05 10.11 -12.20
N GLY A 90 -15.14 9.75 -13.46
CA GLY A 90 -15.33 10.69 -14.60
C GLY A 90 -13.98 10.87 -15.29
N PRO A 91 -14.02 11.27 -16.54
CA PRO A 91 -12.77 11.31 -17.34
C PRO A 91 -11.76 12.31 -16.90
N GLU A 92 -12.19 13.38 -16.25
CA GLU A 92 -11.25 14.44 -15.86
C GLU A 92 -10.93 14.37 -14.38
N SER A 93 -11.35 13.30 -13.68
CA SER A 93 -10.97 13.18 -12.24
C SER A 93 -9.44 12.93 -12.09
N GLN A 94 -8.95 13.41 -10.97
CA GLN A 94 -7.52 13.13 -10.67
C GLN A 94 -7.29 11.58 -10.52
N TYR A 95 -8.28 10.85 -10.06
CA TYR A 95 -8.11 9.37 -10.02
C TYR A 95 -7.89 8.85 -11.43
N THR A 96 -8.69 9.32 -12.39
CA THR A 96 -8.49 8.94 -13.77
C THR A 96 -7.19 9.34 -14.37
N LYS A 97 -6.75 10.53 -13.97
CA LYS A 97 -5.42 10.99 -14.43
C LYS A 97 -4.28 10.04 -13.90
N THR A 98 -4.42 9.50 -12.70
CA THR A 98 -3.45 8.53 -12.22
C THR A 98 -3.61 7.19 -12.94
N ALA A 99 -4.85 6.77 -13.19
CA ALA A 99 -5.04 5.49 -13.89
C ALA A 99 -4.45 5.64 -15.30
N GLN A 100 -4.53 6.83 -15.89
N GLN A 100 -4.63 6.77 -16.00
CA GLN A 100 -3.98 7.09 -17.22
CA GLN A 100 -4.05 6.91 -17.33
C GLN A 100 -2.46 6.86 -17.19
C GLN A 100 -2.47 6.86 -17.24
N GLU A 101 -1.84 7.35 -16.13
CA GLU A 101 -0.34 7.23 -16.01
C GLU A 101 0.01 5.76 -15.86
N ILE A 102 -0.78 4.97 -15.09
CA ILE A 102 -0.51 3.53 -14.95
C ILE A 102 -0.58 2.81 -16.28
N VAL A 103 -1.61 3.15 -17.08
CA VAL A 103 -1.76 2.49 -18.41
C VAL A 103 -0.57 2.95 -19.29
N ASN A 104 -0.25 4.26 -19.31
CA ASN A 104 0.74 4.73 -20.24
C ASN A 104 2.10 4.12 -19.88
N VAL A 105 2.43 3.96 -18.60
CA VAL A 105 3.79 3.42 -18.28
C VAL A 105 3.79 1.90 -18.64
N CYS A 106 2.61 1.24 -18.62
CA CYS A 106 2.61 -0.13 -19.03
C CYS A 106 2.84 -0.23 -20.52
N TYR A 107 2.06 0.50 -21.35
CA TYR A 107 2.32 0.47 -22.82
C TYR A 107 3.78 0.83 -23.14
N GLN A 108 4.28 1.85 -22.49
CA GLN A 108 5.67 2.31 -22.79
C GLN A 108 6.60 1.16 -22.54
N THR A 109 6.40 0.44 -21.44
CA THR A 109 7.36 -0.65 -21.08
C THR A 109 7.21 -1.79 -21.97
N LEU A 110 5.99 -2.15 -22.34
CA LEU A 110 5.79 -3.25 -23.28
C LEU A 110 6.44 -2.93 -24.63
N THR A 111 6.34 -1.68 -25.08
CA THR A 111 6.98 -1.29 -26.32
C THR A 111 8.52 -1.40 -26.23
N GLU A 112 9.13 -1.06 -25.11
CA GLU A 112 10.54 -1.31 -24.96
C GLU A 112 10.87 -2.76 -25.15
N TYR A 113 10.06 -3.66 -24.57
CA TYR A 113 10.43 -5.09 -24.60
C TYR A 113 9.73 -5.79 -25.72
N ASP A 114 9.29 -5.03 -26.73
CA ASP A 114 8.35 -5.58 -27.72
C ASP A 114 8.91 -6.80 -28.46
N GLU A 115 10.12 -6.76 -29.01
CA GLU A 115 10.57 -7.91 -29.80
C GLU A 115 10.77 -9.14 -28.93
N HIS A 116 11.25 -8.99 -27.69
CA HIS A 116 11.40 -10.16 -26.81
C HIS A 116 10.07 -10.77 -26.40
N LEU A 117 9.09 -9.89 -26.16
CA LEU A 117 7.74 -10.38 -25.81
C LEU A 117 7.11 -11.03 -27.03
N THR A 118 7.36 -10.53 -28.23
CA THR A 118 6.84 -11.20 -29.44
C THR A 118 7.38 -12.62 -29.56
N GLN A 119 8.65 -12.79 -29.27
CA GLN A 119 9.30 -14.03 -29.36
C GLN A 119 8.79 -15.01 -28.30
N LEU A 120 8.60 -14.53 -27.07
CA LEU A 120 8.05 -15.41 -26.01
C LEU A 120 6.65 -15.81 -26.34
N GLU A 121 5.88 -14.86 -26.89
CA GLU A 121 4.45 -15.19 -27.22
C GLU A 121 4.44 -16.30 -28.28
N LYS A 122 5.29 -16.23 -29.28
CA LYS A 122 5.33 -17.26 -30.31
C LYS A 122 5.76 -18.60 -29.72
N ASP A 123 6.74 -18.60 -28.82
CA ASP A 123 7.26 -19.84 -28.29
C ASP A 123 6.23 -20.45 -27.32
N ILE A 124 5.46 -19.62 -26.61
CA ILE A 124 4.33 -20.16 -25.78
C ILE A 124 3.40 -20.91 -26.68
N CYS A 125 3.02 -20.32 -27.82
CA CYS A 125 2.09 -21.02 -28.73
C CYS A 125 2.70 -22.27 -29.30
N THR A 126 3.94 -22.21 -29.79
CA THR A 126 4.63 -23.44 -30.26
C THR A 126 4.77 -24.61 -29.23
N ALA A 127 5.01 -24.30 -27.95
CA ALA A 127 5.15 -25.36 -26.93
C ALA A 127 3.83 -26.08 -26.76
N LYS A 128 2.76 -25.29 -26.83
CA LYS A 128 1.39 -25.75 -26.54
C LYS A 128 1.03 -26.70 -27.68
N GLU A 129 1.35 -26.26 -28.90
CA GLU A 129 1.09 -27.04 -30.12
C GLU A 129 1.79 -28.38 -30.18
N ALA A 130 3.09 -28.41 -29.91
CA ALA A 130 3.86 -29.65 -29.83
C ALA A 130 3.25 -30.64 -28.80
N ALA A 131 2.70 -30.07 -27.72
CA ALA A 131 2.00 -30.84 -26.66
C ALA A 131 0.61 -31.35 -27.09
N LEU A 132 -0.13 -30.53 -27.84
CA LEU A 132 -1.44 -30.90 -28.40
C LEU A 132 -1.36 -31.98 -29.50
N GLU A 133 -0.34 -31.87 -30.33
CA GLU A 133 0.05 -32.88 -31.30
C GLU A 133 0.51 -34.16 -30.63
N GLU A 134 1.31 -34.00 -29.58
CA GLU A 134 1.72 -35.09 -28.70
C GLU A 134 0.50 -35.78 -28.11
N ALA A 135 -0.43 -34.98 -27.56
CA ALA A 135 -1.59 -35.47 -26.83
C ALA A 135 -2.64 -36.06 -27.78
N GLU A 136 -2.97 -35.30 -28.82
CA GLU A 136 -3.88 -35.70 -29.90
C GLU A 136 -3.63 -37.15 -30.41
N LEU A 137 -2.37 -37.56 -30.50
CA LEU A 137 -2.09 -38.91 -30.96
C LEU A 137 -1.69 -39.84 -29.82
N ASP B 6 23.62 3.92 15.66
CA ASP B 6 23.18 4.95 16.65
C ASP B 6 23.23 4.36 18.06
N ASP B 7 22.50 4.95 19.01
CA ASP B 7 22.71 4.47 20.35
C ASP B 7 21.93 3.21 20.57
N ASP B 8 22.51 2.29 21.32
CA ASP B 8 21.99 0.94 21.36
C ASP B 8 20.57 0.86 21.92
N ASP B 9 20.27 1.56 23.00
CA ASP B 9 18.97 1.47 23.58
C ASP B 9 17.93 2.09 22.68
N GLN B 10 18.21 3.25 22.05
CA GLN B 10 17.21 3.82 21.09
C GLN B 10 17.00 2.87 19.87
N VAL B 11 18.06 2.25 19.38
CA VAL B 11 17.95 1.32 18.22
C VAL B 11 17.01 0.17 18.59
N ALA B 12 17.24 -0.35 19.80
CA ALA B 12 16.39 -1.45 20.33
C ALA B 12 14.94 -1.04 20.53
N PHE B 13 14.68 0.16 21.06
CA PHE B 13 13.30 0.64 21.30
C PHE B 13 12.66 0.83 19.92
N SER B 14 13.34 1.46 18.96
CA SER B 14 12.73 1.67 17.65
C SER B 14 12.51 0.34 16.89
N PHE B 15 13.34 -0.68 17.13
CA PHE B 15 13.16 -1.98 16.48
C PHE B 15 11.82 -2.57 16.91
N ILE B 16 11.52 -2.45 18.21
CA ILE B 16 10.22 -3.01 18.74
C ILE B 16 9.05 -2.22 18.18
N LEU B 17 9.15 -0.91 18.15
CA LEU B 17 8.01 -0.09 17.63
C LEU B 17 7.77 -0.48 16.15
N ASP B 18 8.83 -0.67 15.35
CA ASP B 18 8.58 -1.02 13.95
C ASP B 18 7.90 -2.37 13.79
N ASN B 19 8.24 -3.30 14.70
CA ASN B 19 7.58 -4.63 14.62
C ASN B 19 6.09 -4.46 14.93
N ILE B 20 5.77 -3.58 15.88
CA ILE B 20 4.31 -3.35 16.18
C ILE B 20 3.61 -2.76 14.99
N VAL B 21 4.18 -1.83 14.29
CA VAL B 21 3.55 -1.28 13.09
C VAL B 21 3.45 -2.24 11.98
N THR B 22 4.49 -2.97 11.63
CA THR B 22 4.39 -3.88 10.47
C THR B 22 3.68 -5.21 10.75
N GLN B 23 3.95 -5.80 11.93
N GLN B 23 3.82 -5.81 11.91
CA GLN B 23 3.47 -7.16 12.39
CA GLN B 23 3.20 -7.12 12.04
C GLN B 23 1.97 -7.10 12.77
C GLN B 23 1.78 -7.02 12.59
N LYS B 24 1.49 -5.99 13.35
CA LYS B 24 0.19 -5.87 13.97
C LYS B 24 -0.64 -4.80 13.33
N MET B 25 -0.19 -3.53 13.35
CA MET B 25 -1.06 -2.48 12.90
C MET B 25 -1.37 -2.63 11.37
N MET B 26 -0.35 -2.80 10.54
CA MET B 26 -0.51 -2.92 9.11
C MET B 26 -1.24 -4.21 8.69
N ALA B 27 -1.36 -5.17 9.61
CA ALA B 27 -1.98 -6.44 9.25
C ALA B 27 -3.46 -6.37 9.56
N VAL B 28 -3.96 -5.26 10.15
CA VAL B 28 -5.41 -5.12 10.43
C VAL B 28 -6.15 -5.25 9.08
N PRO B 29 -7.25 -6.05 8.98
CA PRO B 29 -7.80 -6.11 7.63
C PRO B 29 -8.34 -4.79 7.09
N ASP B 30 -8.13 -4.60 5.79
CA ASP B 30 -8.59 -3.37 5.11
C ASP B 30 -7.99 -2.12 5.68
N SER B 31 -6.81 -2.30 6.20
CA SER B 31 -6.17 -1.14 6.86
C SER B 31 -5.34 -0.33 5.81
N TRP B 32 -5.16 -0.90 4.65
CA TRP B 32 -4.34 -0.18 3.63
C TRP B 32 -4.54 1.33 3.39
N PRO B 33 -5.75 1.93 3.54
CA PRO B 33 -5.89 3.37 3.28
C PRO B 33 -5.14 4.14 4.32
N PHE B 34 -4.84 3.49 5.43
CA PHE B 34 -4.02 4.10 6.53
C PHE B 34 -2.56 3.90 6.40
N HIS B 35 -2.14 3.14 5.37
CA HIS B 35 -0.72 2.83 5.25
C HIS B 35 0.15 3.96 4.67
N HIS B 36 -0.45 4.93 3.98
CA HIS B 36 0.28 6.06 3.35
C HIS B 36 -0.51 7.33 3.59
N PRO B 37 0.10 8.48 3.41
CA PRO B 37 -0.61 9.80 3.51
C PRO B 37 -1.72 9.92 2.49
N VAL B 38 -2.74 10.63 2.90
CA VAL B 38 -3.85 10.92 1.95
C VAL B 38 -3.22 11.66 0.75
N ASN B 39 -3.61 11.30 -0.47
CA ASN B 39 -3.24 12.01 -1.69
C ASN B 39 -4.05 13.31 -1.78
N LYS B 40 -3.38 14.45 -1.61
CA LYS B 40 -4.06 15.75 -1.72
C LYS B 40 -4.79 15.96 -3.05
N LYS B 41 -4.32 15.28 -4.11
CA LYS B 41 -4.96 15.37 -5.45
C LYS B 41 -6.28 14.63 -5.50
N PHE B 42 -6.38 13.56 -4.72
CA PHE B 42 -7.59 12.74 -4.69
C PHE B 42 -8.53 13.36 -3.70
N VAL B 43 -7.97 13.93 -2.60
CA VAL B 43 -8.80 14.41 -1.51
C VAL B 43 -8.40 15.84 -1.12
N PRO B 44 -8.76 16.83 -1.99
CA PRO B 44 -8.20 18.21 -1.95
C PRO B 44 -8.56 18.92 -0.62
N ASP B 45 -9.74 18.57 -0.14
CA ASP B 45 -10.30 19.03 1.13
C ASP B 45 -9.46 18.63 2.36
N TYR B 46 -8.76 17.49 2.23
CA TYR B 46 -8.30 16.81 3.43
C TYR B 46 -7.29 17.67 4.17
N TYR B 47 -6.36 18.27 3.43
CA TYR B 47 -5.27 19.05 4.02
C TYR B 47 -5.68 20.46 4.47
N LYS B 48 -6.87 20.84 4.06
CA LYS B 48 -7.50 22.09 4.48
C LYS B 48 -8.08 21.93 5.91
N VAL B 49 -8.65 20.76 6.17
CA VAL B 49 -9.41 20.46 7.37
C VAL B 49 -8.56 19.85 8.46
N ILE B 50 -7.76 18.88 8.07
CA ILE B 50 -6.92 18.17 9.02
C ILE B 50 -5.59 18.88 9.29
N VAL B 51 -5.44 19.41 10.48
CA VAL B 51 -4.24 20.19 10.76
C VAL B 51 -2.95 19.31 10.84
N ASN B 52 -3.06 18.10 11.39
CA ASN B 52 -1.89 17.22 11.56
C ASN B 52 -2.10 15.83 10.90
N PRO B 53 -1.94 15.74 9.56
CA PRO B 53 -2.10 14.43 8.89
C PRO B 53 -1.18 13.37 9.48
N MET B 54 -1.63 12.12 9.53
CA MET B 54 -0.76 11.03 10.02
C MET B 54 -1.20 9.69 9.41
N ASP B 55 -0.21 8.81 9.26
CA ASP B 55 -0.37 7.52 8.59
C ASP B 55 0.73 6.60 9.00
N LEU B 56 0.54 5.30 8.69
CA LEU B 56 1.54 4.36 9.14
C LEU B 56 2.87 4.44 8.48
N GLU B 57 2.92 4.83 7.19
CA GLU B 57 4.29 5.09 6.56
C GLU B 57 5.02 6.20 7.28
N THR B 58 4.31 7.29 7.61
CA THR B 58 4.93 8.41 8.31
C THR B 58 5.47 7.96 9.67
N ILE B 59 4.68 7.15 10.37
CA ILE B 59 5.16 6.63 11.68
C ILE B 59 6.40 5.77 11.46
N ARG B 60 6.37 4.84 10.46
CA ARG B 60 7.62 4.06 10.22
C ARG B 60 8.82 4.97 9.92
N LYS B 61 8.63 6.02 9.11
CA LYS B 61 9.82 6.89 8.84
C LYS B 61 10.21 7.54 10.12
N ASN B 62 9.28 7.99 10.97
CA ASN B 62 9.65 8.60 12.21
C ASN B 62 10.42 7.60 13.09
N ILE B 63 9.97 6.33 13.17
CA ILE B 63 10.68 5.28 13.93
C ILE B 63 12.10 5.18 13.42
N SER B 64 12.22 5.20 12.07
CA SER B 64 13.54 4.94 11.49
C SER B 64 14.49 6.11 11.82
N LYS B 65 13.93 7.27 12.13
CA LYS B 65 14.68 8.49 12.44
C LYS B 65 14.79 8.64 13.93
N HIS B 66 14.39 7.62 14.70
CA HIS B 66 14.35 7.64 16.19
C HIS B 66 13.64 8.84 16.77
N LYS B 67 12.51 9.21 16.19
CA LYS B 67 11.75 10.30 16.76
C LYS B 67 11.26 9.96 18.19
N TYR B 68 10.89 8.70 18.42
CA TYR B 68 10.17 8.33 19.59
C TYR B 68 11.11 7.76 20.62
N GLN B 69 11.30 8.53 21.68
CA GLN B 69 11.98 8.03 22.89
C GLN B 69 11.11 7.40 23.94
N SER B 70 9.79 7.40 23.74
CA SER B 70 8.87 6.88 24.75
C SER B 70 7.64 6.31 24.11
N ARG B 71 6.92 5.44 24.81
CA ARG B 71 5.67 4.90 24.30
C ARG B 71 4.69 6.05 24.16
N GLU B 72 4.72 7.05 25.04
CA GLU B 72 3.73 8.14 24.94
C GLU B 72 3.84 8.97 23.64
N SER B 73 5.06 9.28 23.16
CA SER B 73 5.19 10.02 21.94
C SER B 73 4.73 9.20 20.74
N PHE B 74 5.04 7.89 20.79
CA PHE B 74 4.56 6.97 19.71
C PHE B 74 3.01 6.95 19.69
N LEU B 75 2.43 6.78 20.89
CA LEU B 75 0.97 6.78 20.92
C LEU B 75 0.33 8.09 20.50
N ASP B 76 1.00 9.23 20.77
CA ASP B 76 0.42 10.45 20.27
C ASP B 76 0.21 10.44 18.77
N ASP B 77 1.19 9.95 17.99
CA ASP B 77 0.98 9.85 16.59
C ASP B 77 0.02 8.76 16.17
N VAL B 78 0.04 7.63 16.91
CA VAL B 78 -0.95 6.59 16.54
C VAL B 78 -2.39 7.08 16.76
N ASN B 79 -2.58 7.72 17.91
CA ASN B 79 -3.91 8.22 18.24
C ASN B 79 -4.38 9.26 17.26
N LEU B 80 -3.48 10.02 16.63
CA LEU B 80 -3.88 11.06 15.65
C LEU B 80 -4.49 10.45 14.42
N ILE B 81 -4.01 9.31 14.01
CA ILE B 81 -4.64 8.61 12.91
C ILE B 81 -6.15 8.47 13.18
N LEU B 82 -6.53 7.99 14.37
CA LEU B 82 -7.92 7.80 14.74
C LEU B 82 -8.59 9.16 14.83
N ALA B 83 -7.99 10.11 15.54
CA ALA B 83 -8.70 11.44 15.72
C ALA B 83 -8.98 12.06 14.38
N ASN B 84 -8.08 11.94 13.42
CA ASN B 84 -8.27 12.54 12.12
C ASN B 84 -9.41 11.86 11.39
N SER B 85 -9.56 10.54 11.56
CA SER B 85 -10.64 9.83 10.88
C SER B 85 -11.98 10.20 11.55
N VAL B 86 -12.04 10.21 12.89
CA VAL B 86 -13.25 10.67 13.60
C VAL B 86 -13.63 12.03 13.02
N LYS B 87 -12.71 12.98 12.94
CA LYS B 87 -13.06 14.29 12.43
C LYS B 87 -13.46 14.34 10.93
N TYR B 88 -12.65 13.75 10.05
CA TYR B 88 -12.93 13.80 8.61
C TYR B 88 -14.02 12.87 8.12
N ASN B 89 -14.13 11.69 8.71
CA ASN B 89 -14.98 10.65 8.17
C ASN B 89 -16.19 10.44 9.08
N GLY B 90 -16.07 10.93 10.31
CA GLY B 90 -17.17 10.87 11.28
C GLY B 90 -16.97 9.74 12.26
N PRO B 91 -17.56 9.84 13.44
CA PRO B 91 -17.16 8.84 14.40
C PRO B 91 -17.70 7.46 14.22
N GLU B 92 -18.77 7.31 13.44
CA GLU B 92 -19.34 5.98 13.20
C GLU B 92 -19.02 5.39 11.86
N SER B 93 -18.18 6.08 11.08
CA SER B 93 -17.88 5.70 9.69
C SER B 93 -16.98 4.45 9.65
N GLN B 94 -17.09 3.62 8.62
CA GLN B 94 -16.31 2.41 8.45
C GLN B 94 -14.80 2.65 8.48
N TYR B 95 -14.37 3.77 7.89
CA TYR B 95 -12.91 4.20 7.94
C TYR B 95 -12.52 4.30 9.41
N THR B 96 -13.39 4.90 10.22
CA THR B 96 -13.08 5.12 11.66
C THR B 96 -13.07 3.84 12.42
N LYS B 97 -13.99 2.89 12.08
CA LYS B 97 -13.93 1.51 12.69
C LYS B 97 -12.56 0.78 12.43
N THR B 98 -12.06 0.93 11.22
CA THR B 98 -10.76 0.40 10.85
C THR B 98 -9.65 1.10 11.65
N ALA B 99 -9.69 2.45 11.69
CA ALA B 99 -8.70 3.20 12.51
C ALA B 99 -8.71 2.78 13.97
N GLN B 100 -9.90 2.60 14.54
CA GLN B 100 -9.98 2.10 15.91
C GLN B 100 -9.38 0.74 16.11
N GLU B 101 -9.59 -0.17 15.16
CA GLU B 101 -8.89 -1.46 15.19
C GLU B 101 -7.35 -1.28 15.15
N ILE B 102 -6.87 -0.37 14.33
CA ILE B 102 -5.37 -0.18 14.29
C ILE B 102 -4.90 0.32 15.69
N VAL B 103 -5.61 1.30 16.28
CA VAL B 103 -5.26 1.84 17.64
C VAL B 103 -5.36 0.72 18.67
N ASN B 104 -6.37 -0.12 18.56
CA ASN B 104 -6.55 -1.11 19.58
C ASN B 104 -5.49 -2.13 19.54
N VAL B 105 -5.06 -2.59 18.34
CA VAL B 105 -4.02 -3.61 18.30
C VAL B 105 -2.68 -3.01 18.80
N CYS B 106 -2.46 -1.73 18.53
CA CYS B 106 -1.27 -1.08 19.03
C CYS B 106 -1.18 -1.11 20.56
N TYR B 107 -2.21 -0.63 21.23
CA TYR B 107 -2.19 -0.60 22.71
C TYR B 107 -2.03 -2.05 23.23
N GLN B 108 -2.70 -3.01 22.59
CA GLN B 108 -2.63 -4.41 23.07
C GLN B 108 -1.23 -4.99 22.96
N THR B 109 -0.59 -4.69 21.83
CA THR B 109 0.77 -5.14 21.59
C THR B 109 1.81 -4.41 22.47
N LEU B 110 1.69 -3.11 22.68
CA LEU B 110 2.56 -2.42 23.64
C LEU B 110 2.52 -3.12 25.03
N THR B 111 1.33 -3.41 25.54
CA THR B 111 1.12 -4.10 26.86
C THR B 111 1.92 -5.42 26.94
N GLU B 112 1.94 -6.16 25.86
CA GLU B 112 2.83 -7.29 25.70
C GLU B 112 4.39 -7.01 25.85
N TYR B 113 4.93 -5.86 25.41
CA TYR B 113 6.38 -5.53 25.52
C TYR B 113 6.68 -4.51 26.62
N ASP B 114 5.77 -4.44 27.59
CA ASP B 114 5.71 -3.42 28.63
C ASP B 114 7.02 -3.32 29.45
N GLU B 115 7.48 -4.50 29.89
CA GLU B 115 8.65 -4.59 30.75
C GLU B 115 9.88 -4.02 30.06
N HIS B 116 10.14 -4.53 28.86
CA HIS B 116 11.27 -4.09 28.08
C HIS B 116 11.19 -2.67 27.68
N LEU B 117 10.05 -2.24 27.14
CA LEU B 117 9.88 -0.88 26.72
C LEU B 117 9.99 0.08 27.88
N THR B 118 9.38 -0.23 29.01
CA THR B 118 9.54 0.63 30.22
C THR B 118 11.02 0.85 30.56
N GLN B 119 11.76 -0.27 30.61
CA GLN B 119 13.20 -0.15 30.88
C GLN B 119 13.96 0.62 29.81
N LEU B 120 13.69 0.34 28.54
CA LEU B 120 14.43 1.09 27.51
C LEU B 120 14.17 2.57 27.62
N GLU B 121 12.91 2.97 27.94
CA GLU B 121 12.52 4.38 28.00
C GLU B 121 13.36 5.08 29.07
N LYS B 122 13.43 4.42 30.21
CA LYS B 122 14.21 4.85 31.39
C LYS B 122 15.68 5.04 31.02
N ASP B 123 16.25 4.02 30.42
CA ASP B 123 17.69 3.97 30.00
C ASP B 123 18.02 5.14 29.04
N ILE B 124 17.12 5.48 28.10
CA ILE B 124 17.33 6.60 27.17
C ILE B 124 17.26 7.97 27.89
N CYS B 125 16.29 8.11 28.79
CA CYS B 125 16.22 9.36 29.57
C CYS B 125 17.51 9.62 30.42
N THR B 126 17.97 8.53 31.08
CA THR B 126 19.08 8.61 31.99
C THR B 126 20.31 8.96 31.21
N ALA B 127 20.47 8.34 30.04
CA ALA B 127 21.67 8.62 29.23
C ALA B 127 21.74 10.14 28.76
N LYS B 128 20.59 10.68 28.39
CA LYS B 128 20.56 12.10 27.97
C LYS B 128 21.08 13.04 29.10
N GLU B 129 20.63 12.78 30.34
CA GLU B 129 20.89 13.73 31.45
C GLU B 129 22.34 13.47 31.76
N ALA B 130 22.73 12.20 31.58
CA ALA B 130 24.16 11.83 31.84
C ALA B 130 25.20 12.50 30.91
N ALA B 131 24.90 12.53 29.62
CA ALA B 131 25.69 13.32 28.67
C ALA B 131 25.73 14.81 29.00
N LEU B 132 24.61 15.43 29.46
CA LEU B 132 24.68 16.85 29.82
C LEU B 132 25.49 17.09 31.07
N GLU B 133 25.39 16.15 32.02
CA GLU B 133 26.18 16.21 33.27
C GLU B 133 27.70 16.06 32.97
N GLU B 134 28.05 15.09 32.12
CA GLU B 134 29.46 14.90 31.69
C GLU B 134 30.03 16.15 30.98
N ALA B 135 29.22 16.77 30.12
CA ALA B 135 29.67 17.98 29.41
C ALA B 135 29.86 19.09 30.40
N GLU B 136 29.01 19.14 31.45
CA GLU B 136 29.20 20.17 32.51
C GLU B 136 30.54 19.94 33.21
N LEU B 137 30.93 18.68 33.37
CA LEU B 137 32.07 18.41 34.28
C LEU B 137 33.38 18.55 33.53
N GLU B 138 33.36 18.38 32.21
CA GLU B 138 34.55 18.81 31.44
C GLU B 138 34.76 20.35 31.31
C BTK C 5 -15.45 8.36 -1.85
N BTK C 5 -14.42 10.53 -2.29
O BTK C 5 -14.85 8.16 -0.76
CA BTK C 5 -14.85 9.24 -2.93
CB BTK C 5 -13.67 8.58 -3.62
CD BTK C 5 -13.00 6.62 -4.85
CE BTK C 5 -13.33 5.53 -5.81
CG BTK C 5 -14.01 7.73 -4.85
NZ BTK C 5 -12.35 4.55 -5.94
CAA BTK C 5 -9.04 4.49 -7.25
OAD BTK C 5 -12.31 4.50 -8.22
CAF BTK C 5 -9.69 3.30 -7.91
CAJ BTK C 5 -10.91 2.98 -7.15
CAN BTK C 5 -11.95 4.08 -7.14
N GLY C 6 -16.67 7.86 -2.11
CA GLY C 6 -17.37 6.96 -1.13
C GLY C 6 -17.60 7.63 0.22
N GLY C 7 -17.34 6.90 1.31
CA GLY C 7 -17.51 7.40 2.68
C GLY C 7 -16.50 8.44 3.17
C BTK C 8 -15.05 11.20 2.80
N BTK C 8 -15.52 8.79 2.34
O BTK C 8 -15.71 11.63 1.84
CA BTK C 8 -14.49 9.78 2.76
CB BTK C 8 -13.28 9.62 1.83
CD BTK C 8 -11.06 9.67 2.97
CE BTK C 8 -9.85 10.57 3.16
CG BTK C 8 -12.09 10.50 2.22
NZ BTK C 8 -8.79 9.78 3.78
CAA BTK C 8 -8.77 6.58 5.46
OAD BTK C 8 -9.44 10.08 5.96
CAF BTK C 8 -7.78 7.45 6.19
CAJ BTK C 8 -7.48 8.78 5.56
CAN BTK C 8 -8.67 9.59 5.11
N GLY C 9 -14.76 11.94 3.87
CA GLY C 9 -15.17 13.35 4.04
C GLY C 9 -16.54 13.52 4.67
N LEU C 10 -17.13 12.40 5.09
CA LEU C 10 -18.50 12.39 5.67
C LEU C 10 -18.70 12.93 7.12
N GLY C 11 -17.69 13.61 7.65
CA GLY C 11 -17.71 14.03 9.04
C GLY C 11 -17.31 15.47 9.20
CA CA D . -9.08 13.99 -20.56
#